data_6I99
#
_entry.id   6I99
#
_cell.length_a   66.714
_cell.length_b   63.290
_cell.length_c   74.962
_cell.angle_alpha   90.00
_cell.angle_beta   104.55
_cell.angle_gamma   90.00
#
_symmetry.space_group_name_H-M   'P 1 21 1'
#
loop_
_entity.id
_entity.type
_entity.pdbx_description
1 polymer 'Cytoplasmic tyrosine-protein kinase BMX'
2 non-polymer ~{N}-[2-methyl-5-[8-[4-(methylsulfonylamino)phenyl]-2-oxidanylidene-benzo[h][1,6]naphthyridin-1-yl]phenyl]-3-oxidanyl-propanamide
3 water water
#
_entity_poly.entity_id   1
_entity_poly.type   'polypeptide(L)'
_entity_poly.pdbx_seq_one_letter_code
;HHHHHHENLYFQGELKREEITLLKELGSGQFGVVKLGKWKGQYDVAVKMIKEGSMSEDEFFQEAQTMMKLSHPKLVKFYG
VCSKEYPIYIVTEYISNGCLLNYLRSHGKGLEPSQLLEMCYDVCEGMAFLESHQFIHRDLAARNCLVDRDLCVKVSDFGM
TRYVLDDQYVSSVGTKFPVKWSAPEVFHYFKYSSKSDVWAFGILMWEVFSLGKMPYDLYTNSEVVLKVSQGHRLYRPHLA
SDTIYQIMYSCWHELPEKRPTFQQLLSSIEPLREKDKH
;
_entity_poly.pdbx_strand_id   A,B
#
loop_
_chem_comp.id
_chem_comp.type
_chem_comp.name
_chem_comp.formula
H88 non-polymer ~{N}-[2-methyl-5-[8-[4-(methylsulfonylamino)phenyl]-2-oxidanylidene-benzo[h][1,6]naphthyridin-1-yl]phenyl]-3-oxidanyl-propanamide 'C29 H26 N4 O5 S'
#
# COMPACT_ATOMS: atom_id res chain seq x y z
N LEU A 9 11.50 11.77 21.61
CA LEU A 9 11.56 10.64 20.71
C LEU A 9 10.76 10.92 19.44
N TYR A 10 11.15 10.26 18.35
CA TYR A 10 10.50 10.46 17.06
C TYR A 10 10.60 9.17 16.26
N PHE A 11 9.79 9.10 15.20
CA PHE A 11 9.85 7.94 14.32
C PHE A 11 11.25 7.81 13.74
N GLN A 12 11.91 6.69 14.03
CA GLN A 12 13.28 6.45 13.60
C GLN A 12 13.38 5.51 12.41
N GLY A 13 12.24 5.11 11.83
CA GLY A 13 12.26 4.12 10.78
C GLY A 13 12.39 2.70 11.33
N GLU A 14 13.42 1.99 10.89
CA GLU A 14 13.63 0.62 11.34
C GLU A 14 14.34 0.59 12.69
N LEU A 15 13.93 -0.34 13.54
CA LEU A 15 14.50 -0.51 14.86
C LEU A 15 15.12 -1.90 14.98
N LYS A 16 15.86 -2.10 16.08
CA LYS A 16 16.48 -3.38 16.37
C LYS A 16 15.57 -4.20 17.25
N ARG A 17 15.30 -5.44 16.85
CA ARG A 17 14.41 -6.31 17.61
C ARG A 17 15.00 -6.60 19.00
N GLU A 18 16.32 -6.74 19.09
CA GLU A 18 16.94 -7.06 20.37
C GLU A 18 16.78 -5.95 21.40
N GLU A 19 16.54 -4.71 20.96
CA GLU A 19 16.38 -3.60 21.88
C GLU A 19 14.94 -3.42 22.37
N ILE A 20 14.08 -4.42 22.16
CA ILE A 20 12.69 -4.35 22.56
C ILE A 20 12.40 -5.57 23.42
N THR A 21 12.15 -5.36 24.70
CA THR A 21 11.74 -6.42 25.62
C THR A 21 10.24 -6.37 25.78
N LEU A 22 9.60 -7.54 25.71
CA LEU A 22 8.16 -7.66 25.82
C LEU A 22 7.80 -8.03 27.26
N LEU A 23 6.88 -7.26 27.84
CA LEU A 23 6.52 -7.41 29.25
C LEU A 23 5.15 -8.04 29.45
N LYS A 24 4.15 -7.65 28.69
CA LYS A 24 2.80 -8.15 28.90
C LYS A 24 1.97 -7.85 27.66
N GLU A 25 0.84 -8.55 27.54
CA GLU A 25 -0.05 -8.40 26.41
C GLU A 25 -1.13 -7.37 26.73
N LEU A 26 -1.30 -6.39 25.84
CA LEU A 26 -2.34 -5.38 26.02
C LEU A 26 -3.67 -5.76 25.39
N GLY A 27 -3.68 -6.73 24.48
CA GLY A 27 -4.90 -7.11 23.81
C GLY A 27 -4.67 -7.48 22.37
N SER A 28 -5.68 -8.04 21.71
CA SER A 28 -5.59 -8.45 20.31
C SER A 28 -6.29 -7.39 19.47
N GLY A 29 -5.52 -6.68 18.65
CA GLY A 29 -6.07 -5.68 17.76
C GLY A 29 -6.65 -6.31 16.52
N GLN A 30 -6.87 -5.46 15.51
CA GLN A 30 -7.49 -5.94 14.28
C GLN A 30 -6.49 -6.66 13.37
N PHE A 31 -5.24 -6.21 13.35
CA PHE A 31 -4.22 -6.80 12.50
C PHE A 31 -3.29 -7.74 13.26
N GLY A 32 -3.45 -7.87 14.56
CA GLY A 32 -2.61 -8.76 15.34
C GLY A 32 -2.59 -8.35 16.79
N VAL A 33 -1.83 -9.13 17.57
CA VAL A 33 -1.72 -8.91 19.00
C VAL A 33 -0.84 -7.71 19.27
N VAL A 34 -1.18 -6.95 20.33
CA VAL A 34 -0.40 -5.82 20.78
C VAL A 34 0.11 -6.12 22.19
N LYS A 35 1.41 -5.97 22.39
CA LYS A 35 2.05 -6.29 23.65
C LYS A 35 2.65 -5.04 24.28
N LEU A 36 2.61 -4.98 25.60
CA LEU A 36 3.40 -3.99 26.33
C LEU A 36 4.87 -4.35 26.21
N GLY A 37 5.71 -3.33 26.03
CA GLY A 37 7.13 -3.58 25.88
C GLY A 37 7.95 -2.42 26.43
N LYS A 38 9.19 -2.74 26.75
CA LYS A 38 10.19 -1.74 27.13
C LYS A 38 11.20 -1.62 25.99
N TRP A 39 11.44 -0.40 25.55
CA TRP A 39 12.32 -0.14 24.42
C TRP A 39 13.60 0.51 24.92
N LYS A 40 14.74 0.01 24.44
CA LYS A 40 16.04 0.52 24.88
C LYS A 40 16.15 0.47 26.41
N GLY A 41 15.46 -0.48 27.02
CA GLY A 41 15.46 -0.63 28.47
C GLY A 41 15.17 0.67 29.21
N GLN A 42 14.31 1.51 28.65
CA GLN A 42 14.09 2.84 29.20
C GLN A 42 12.68 3.34 28.92
N TYR A 43 12.18 3.13 27.70
CA TYR A 43 10.92 3.71 27.24
C TYR A 43 9.84 2.65 27.20
N ASP A 44 8.67 2.98 27.74
CA ASP A 44 7.49 2.12 27.61
C ASP A 44 6.87 2.29 26.25
N VAL A 45 6.52 1.17 25.62
CA VAL A 45 6.01 1.17 24.25
C VAL A 45 4.89 0.13 24.11
N ALA A 46 4.09 0.31 23.07
CA ALA A 46 3.15 -0.70 22.61
C ALA A 46 3.64 -1.25 21.28
N VAL A 47 3.54 -2.57 21.12
CA VAL A 47 4.13 -3.28 19.99
C VAL A 47 3.05 -4.08 19.28
N LYS A 48 2.62 -3.63 18.11
CA LYS A 48 1.74 -4.42 17.26
C LYS A 48 2.56 -5.52 16.57
N MET A 49 2.09 -6.76 16.66
CA MET A 49 2.79 -7.90 16.06
C MET A 49 1.93 -8.47 14.95
N ILE A 50 2.35 -8.23 13.70
CA ILE A 50 1.59 -8.60 12.52
C ILE A 50 2.08 -9.95 12.03
N LYS A 51 1.26 -10.99 12.18
CA LYS A 51 1.58 -12.27 11.55
C LYS A 51 1.58 -12.12 10.03
N GLU A 52 2.38 -12.94 9.36
CA GLU A 52 2.44 -12.92 7.91
C GLU A 52 1.07 -13.25 7.32
N GLY A 53 0.60 -12.41 6.41
CA GLY A 53 -0.68 -12.57 5.76
C GLY A 53 -1.79 -11.70 6.33
N SER A 54 -1.66 -11.30 7.58
CA SER A 54 -2.67 -10.48 8.27
C SER A 54 -2.61 -9.01 7.87
N MET A 55 -1.82 -8.63 6.87
CA MET A 55 -1.69 -7.23 6.51
C MET A 55 -1.12 -7.10 5.10
N SER A 56 -1.59 -6.10 4.38
CA SER A 56 -1.03 -5.80 3.06
C SER A 56 0.35 -5.16 3.23
N GLU A 57 1.32 -5.67 2.48
CA GLU A 57 2.67 -5.09 2.51
C GLU A 57 2.69 -3.73 1.83
N ASP A 58 1.93 -3.59 0.74
CA ASP A 58 1.83 -2.30 0.07
C ASP A 58 1.37 -1.22 1.03
N GLU A 59 0.28 -1.47 1.76
CA GLU A 59 -0.20 -0.51 2.74
C GLU A 59 0.86 -0.23 3.80
N PHE A 60 1.54 -1.28 4.28
CA PHE A 60 2.54 -1.09 5.33
C PHE A 60 3.70 -0.23 4.85
N PHE A 61 4.20 -0.47 3.64
CA PHE A 61 5.33 0.30 3.15
C PHE A 61 4.93 1.71 2.79
N GLN A 62 3.68 1.93 2.39
CA GLN A 62 3.21 3.29 2.18
C GLN A 62 3.04 4.03 3.50
N GLU A 63 2.38 3.39 4.47
CA GLU A 63 2.16 4.04 5.76
C GLU A 63 3.47 4.28 6.49
N ALA A 64 4.39 3.31 6.45
CA ALA A 64 5.65 3.45 7.17
C ALA A 64 6.48 4.59 6.61
N GLN A 65 6.40 4.82 5.31
CA GLN A 65 7.21 5.82 4.63
C GLN A 65 6.54 7.19 4.50
N THR A 66 5.26 7.32 4.87
CA THR A 66 4.64 8.64 4.90
C THR A 66 3.87 8.97 6.18
N MET A 67 2.87 8.15 6.53
CA MET A 67 2.04 8.46 7.69
C MET A 67 2.83 8.47 8.98
N MET A 68 3.63 7.43 9.21
CA MET A 68 4.29 7.25 10.49
C MET A 68 5.16 8.45 10.86
N LYS A 69 5.66 9.16 9.86
CA LYS A 69 6.50 10.33 10.09
C LYS A 69 5.73 11.50 10.68
N LEU A 70 4.41 11.51 10.56
CA LEU A 70 3.56 12.59 11.05
C LEU A 70 3.44 12.51 12.57
N SER A 71 4.08 13.46 13.26
CA SER A 71 4.06 13.54 14.72
C SER A 71 3.18 14.69 15.17
N HIS A 72 2.23 14.40 16.06
CA HIS A 72 1.27 15.39 16.53
C HIS A 72 0.83 14.98 17.94
N PRO A 73 0.57 15.95 18.82
CA PRO A 73 0.18 15.60 20.20
C PRO A 73 -1.09 14.77 20.30
N LYS A 74 -1.98 14.82 19.30
CA LYS A 74 -3.24 14.10 19.34
C LYS A 74 -3.25 12.87 18.46
N LEU A 75 -2.09 12.42 17.99
CA LEU A 75 -1.95 11.18 17.24
C LEU A 75 -0.98 10.26 17.97
N VAL A 76 -1.30 8.97 18.01
CA VAL A 76 -0.39 8.01 18.61
C VAL A 76 0.96 8.12 17.89
N LYS A 77 2.01 8.29 18.67
CA LYS A 77 3.34 8.56 18.13
C LYS A 77 4.03 7.27 17.74
N PHE A 78 4.53 7.21 16.51
CA PHE A 78 5.27 6.04 16.01
C PHE A 78 6.75 6.20 16.31
N TYR A 79 7.34 5.18 16.94
CA TYR A 79 8.77 5.17 17.22
C TYR A 79 9.55 4.44 16.14
N GLY A 80 9.01 3.34 15.62
CA GLY A 80 9.67 2.63 14.55
C GLY A 80 9.00 1.30 14.27
N VAL A 81 9.64 0.51 13.41
CA VAL A 81 9.14 -0.80 13.02
C VAL A 81 10.32 -1.78 12.98
N CYS A 82 10.00 -3.06 13.12
CA CYS A 82 10.94 -4.15 12.88
C CYS A 82 10.33 -4.99 11.78
N SER A 83 10.86 -4.83 10.56
CA SER A 83 10.27 -5.39 9.36
C SER A 83 11.24 -6.27 8.59
N LYS A 84 12.24 -6.85 9.26
CA LYS A 84 13.17 -7.71 8.54
C LYS A 84 12.55 -9.08 8.29
N GLU A 85 11.78 -9.59 9.25
CA GLU A 85 11.02 -10.82 9.01
C GLU A 85 9.58 -10.59 9.44
N TYR A 86 8.80 -11.66 9.50
CA TYR A 86 7.56 -11.69 10.27
C TYR A 86 7.80 -12.38 11.60
N PRO A 87 7.12 -11.97 12.69
CA PRO A 87 6.07 -10.94 12.80
C PRO A 87 6.62 -9.52 12.83
N ILE A 88 6.07 -8.66 11.97
CA ILE A 88 6.54 -7.28 11.91
C ILE A 88 6.06 -6.51 13.12
N TYR A 89 6.99 -5.84 13.80
CA TYR A 89 6.67 -5.01 14.94
C TYR A 89 6.34 -3.59 14.47
N ILE A 90 5.27 -3.03 15.02
CA ILE A 90 4.99 -1.60 14.91
C ILE A 90 5.02 -1.04 16.33
N VAL A 91 6.03 -0.24 16.62
CA VAL A 91 6.28 0.25 17.98
C VAL A 91 5.76 1.68 18.05
N THR A 92 4.86 1.92 19.01
CA THR A 92 4.30 3.24 19.26
C THR A 92 4.44 3.58 20.73
N GLU A 93 4.15 4.83 21.06
CA GLU A 93 4.12 5.23 22.46
C GLU A 93 3.02 4.47 23.19
N TYR A 94 3.28 4.19 24.47
CA TYR A 94 2.28 3.60 25.36
C TYR A 94 1.43 4.70 25.98
N ILE A 95 0.13 4.46 26.05
CA ILE A 95 -0.83 5.44 26.54
C ILE A 95 -1.40 4.92 27.84
N SER A 96 -1.20 5.66 28.92
CA SER A 96 -1.31 5.11 30.27
C SER A 96 -2.74 4.77 30.67
N ASN A 97 -3.76 5.39 30.07
CA ASN A 97 -5.14 5.16 30.46
C ASN A 97 -5.93 4.36 29.42
N GLY A 98 -5.28 3.89 28.36
CA GLY A 98 -5.87 2.86 27.51
C GLY A 98 -6.92 3.36 26.53
N CYS A 99 -7.73 2.41 26.08
CA CYS A 99 -8.69 2.67 25.02
C CYS A 99 -9.80 3.60 25.50
N LEU A 100 -10.10 4.63 24.68
CA LEU A 100 -11.13 5.59 25.03
C LEU A 100 -12.48 4.90 25.25
N LEU A 101 -12.82 3.95 24.37
CA LEU A 101 -14.08 3.24 24.52
C LEU A 101 -14.20 2.60 25.90
N ASN A 102 -13.17 1.86 26.32
CA ASN A 102 -13.18 1.25 27.64
C ASN A 102 -13.25 2.32 28.73
N TYR A 103 -12.52 3.42 28.57
CA TYR A 103 -12.50 4.45 29.60
C TYR A 103 -13.86 5.09 29.77
N LEU A 104 -14.55 5.37 28.65
CA LEU A 104 -15.89 5.95 28.75
C LEU A 104 -16.85 5.02 29.49
N ARG A 105 -16.79 3.72 29.18
CA ARG A 105 -17.71 2.77 29.80
C ARG A 105 -17.38 2.50 31.26
N SER A 106 -16.15 2.78 31.70
CA SER A 106 -15.73 2.51 33.06
C SER A 106 -15.70 3.75 33.95
N HIS A 107 -15.34 4.91 33.39
CA HIS A 107 -15.21 6.13 34.18
C HIS A 107 -16.01 7.28 33.60
N GLY A 108 -16.91 7.03 32.65
CA GLY A 108 -17.64 8.12 32.01
C GLY A 108 -18.63 8.81 32.93
N LYS A 109 -19.25 8.07 33.85
CA LYS A 109 -20.23 8.67 34.75
C LYS A 109 -19.61 9.72 35.67
N GLY A 110 -18.28 9.75 35.78
CA GLY A 110 -17.61 10.74 36.59
C GLY A 110 -17.02 11.90 35.83
N LEU A 111 -17.22 11.95 34.52
CA LEU A 111 -16.64 13.00 33.68
C LEU A 111 -17.66 14.11 33.46
N GLU A 112 -17.19 15.35 33.52
CA GLU A 112 -18.05 16.49 33.25
C GLU A 112 -18.26 16.65 31.75
N PRO A 113 -19.34 17.32 31.35
CA PRO A 113 -19.56 17.56 29.91
C PRO A 113 -18.44 18.36 29.27
N SER A 114 -17.78 19.24 30.02
CA SER A 114 -16.67 20.00 29.47
C SER A 114 -15.48 19.11 29.17
N GLN A 115 -15.27 18.05 29.97
CA GLN A 115 -14.22 17.10 29.66
C GLN A 115 -14.58 16.26 28.43
N LEU A 116 -15.84 15.84 28.34
CA LEU A 116 -16.30 15.12 27.15
C LEU A 116 -16.08 15.95 25.90
N LEU A 117 -16.40 17.25 25.97
CA LEU A 117 -16.13 18.14 24.83
C LEU A 117 -14.64 18.23 24.56
N GLU A 118 -13.82 18.20 25.63
CA GLU A 118 -12.38 18.28 25.44
C GLU A 118 -11.85 17.07 24.69
N MET A 119 -12.41 15.89 24.96
CA MET A 119 -12.02 14.69 24.23
C MET A 119 -12.33 14.84 22.74
N CYS A 120 -13.53 15.32 22.41
CA CYS A 120 -13.88 15.53 21.02
C CYS A 120 -12.92 16.52 20.36
N TYR A 121 -12.56 17.59 21.08
CA TYR A 121 -11.63 18.58 20.55
C TYR A 121 -10.27 17.94 20.25
N ASP A 122 -9.73 17.19 21.21
CA ASP A 122 -8.46 16.50 20.98
C ASP A 122 -8.50 15.68 19.70
N VAL A 123 -9.54 14.85 19.53
CA VAL A 123 -9.64 14.04 18.33
C VAL A 123 -9.74 14.93 17.10
N CYS A 124 -10.47 16.04 17.20
CA CYS A 124 -10.62 16.94 16.06
C CYS A 124 -9.30 17.59 15.69
N GLU A 125 -8.48 17.93 16.69
CA GLU A 125 -7.19 18.54 16.42
C GLU A 125 -6.27 17.58 15.67
N GLY A 126 -6.18 16.34 16.16
CA GLY A 126 -5.35 15.35 15.49
C GLY A 126 -5.84 15.01 14.10
N MET A 127 -7.16 14.89 13.93
CA MET A 127 -7.72 14.61 12.61
C MET A 127 -7.53 15.78 11.67
N ALA A 128 -7.60 17.01 12.18
CA ALA A 128 -7.32 18.18 11.34
C ALA A 128 -5.89 18.13 10.82
N PHE A 129 -4.97 17.53 11.57
CA PHE A 129 -3.58 17.43 11.13
C PHE A 129 -3.40 16.37 10.06
N LEU A 130 -4.05 15.20 10.21
CA LEU A 130 -4.06 14.22 9.14
C LEU A 130 -4.73 14.78 7.90
N GLU A 131 -5.83 15.52 8.08
CA GLU A 131 -6.53 16.12 6.95
C GLU A 131 -5.61 17.05 6.16
N SER A 132 -4.75 17.80 6.86
CA SER A 132 -3.83 18.70 6.19
C SER A 132 -2.76 17.96 5.39
N HIS A 133 -2.60 16.66 5.61
CA HIS A 133 -1.70 15.82 4.83
C HIS A 133 -2.47 14.90 3.88
N GLN A 134 -3.73 15.21 3.62
CA GLN A 134 -4.55 14.48 2.65
C GLN A 134 -4.71 13.00 3.02
N PHE A 135 -4.73 12.70 4.32
CA PHE A 135 -5.03 11.38 4.81
C PHE A 135 -6.38 11.37 5.51
N ILE A 136 -7.17 10.34 5.26
CA ILE A 136 -8.41 10.11 5.97
C ILE A 136 -8.20 8.92 6.90
N HIS A 137 -9.03 8.85 7.93
CA HIS A 137 -9.06 7.71 8.83
C HIS A 137 -10.24 6.84 8.44
N ARG A 138 -9.97 5.57 8.12
CA ARG A 138 -11.02 4.69 7.60
C ARG A 138 -11.89 4.08 8.70
N ASP A 139 -11.53 4.27 9.97
CA ASP A 139 -12.31 3.70 11.08
C ASP A 139 -12.21 4.62 12.29
N LEU A 140 -12.57 5.90 12.11
CA LEU A 140 -12.49 6.88 13.19
C LEU A 140 -13.60 6.62 14.19
N ALA A 141 -13.27 5.91 15.27
CA ALA A 141 -14.24 5.59 16.32
C ALA A 141 -13.53 5.58 17.66
N ALA A 142 -14.33 5.55 18.73
CA ALA A 142 -13.76 5.58 20.08
C ALA A 142 -12.86 4.38 20.33
N ARG A 143 -13.09 3.26 19.66
CA ARG A 143 -12.27 2.08 19.84
C ARG A 143 -10.85 2.26 19.32
N ASN A 144 -10.59 3.31 18.54
CA ASN A 144 -9.27 3.56 18.00
C ASN A 144 -8.63 4.82 18.58
N CYS A 145 -9.14 5.30 19.71
CA CYS A 145 -8.58 6.43 20.41
C CYS A 145 -8.09 5.98 21.77
N LEU A 146 -7.06 6.66 22.26
CA LEU A 146 -6.43 6.31 23.53
C LEU A 146 -6.33 7.54 24.41
N VAL A 147 -6.39 7.30 25.72
CA VAL A 147 -6.45 8.34 26.73
C VAL A 147 -5.15 8.28 27.53
N ASP A 148 -4.47 9.42 27.64
CA ASP A 148 -3.21 9.48 28.37
C ASP A 148 -3.48 9.93 29.80
N ARG A 149 -2.40 10.24 30.54
CA ARG A 149 -2.54 10.54 31.96
C ARG A 149 -3.34 11.81 32.21
N ASP A 150 -3.31 12.76 31.29
CA ASP A 150 -4.02 14.03 31.43
C ASP A 150 -5.44 13.97 30.86
N LEU A 151 -5.95 12.78 30.56
CA LEU A 151 -7.22 12.59 29.89
C LEU A 151 -7.21 13.16 28.47
N CYS A 152 -6.05 13.53 27.95
CA CYS A 152 -5.93 13.93 26.56
C CYS A 152 -6.10 12.71 25.66
N VAL A 153 -6.83 12.88 24.56
CA VAL A 153 -7.19 11.79 23.67
C VAL A 153 -6.28 11.81 22.45
N LYS A 154 -5.74 10.65 22.10
CA LYS A 154 -4.88 10.50 20.93
C LYS A 154 -5.51 9.52 19.95
N VAL A 155 -5.42 9.83 18.66
CA VAL A 155 -6.01 9.02 17.61
C VAL A 155 -4.99 8.00 17.13
N SER A 156 -5.36 6.72 17.16
CA SER A 156 -4.54 5.66 16.58
C SER A 156 -4.98 5.42 15.14
N ASP A 157 -4.02 5.40 14.22
CA ASP A 157 -4.32 5.39 12.80
C ASP A 157 -3.55 4.34 12.00
N PHE A 158 -2.91 3.39 12.66
CA PHE A 158 -2.13 2.40 11.93
C PHE A 158 -3.04 1.44 11.16
N GLY A 159 -2.73 1.25 9.88
CA GLY A 159 -3.53 0.38 9.04
C GLY A 159 -4.94 0.86 8.83
N MET A 160 -5.20 2.15 9.08
CA MET A 160 -6.53 2.72 8.96
C MET A 160 -6.53 4.03 8.18
N THR A 161 -5.42 4.37 7.52
CA THR A 161 -5.33 5.59 6.74
C THR A 161 -5.44 5.28 5.25
N ARG A 162 -5.67 6.35 4.48
CA ARG A 162 -5.74 6.24 3.03
C ARG A 162 -5.54 7.63 2.45
N TYR A 163 -4.61 7.75 1.50
CA TYR A 163 -4.31 9.05 0.91
C TYR A 163 -5.46 9.46 0.00
N VAL A 164 -6.07 10.61 0.30
CA VAL A 164 -7.17 11.14 -0.49
C VAL A 164 -6.94 12.63 -0.68
N LEU A 165 -6.74 13.05 -1.93
CA LEU A 165 -6.63 14.47 -2.25
C LEU A 165 -7.97 15.18 -2.04
N ASP A 166 -7.88 16.44 -1.63
CA ASP A 166 -9.08 17.19 -1.26
C ASP A 166 -10.09 17.19 -2.41
N ASP A 167 -11.37 17.06 -2.05
CA ASP A 167 -12.48 17.11 -2.98
C ASP A 167 -12.47 15.96 -3.98
N GLN A 168 -11.63 14.95 -3.77
CA GLN A 168 -11.55 13.80 -4.66
C GLN A 168 -12.15 12.58 -3.98
N TYR A 169 -12.41 11.55 -4.78
CA TYR A 169 -12.92 10.27 -4.29
C TYR A 169 -11.92 9.17 -4.63
N VAL A 170 -11.92 8.11 -3.82
CA VAL A 170 -11.16 6.90 -4.09
C VAL A 170 -12.01 5.70 -3.72
N SER A 171 -11.62 4.54 -4.21
CA SER A 171 -12.34 3.31 -3.92
C SER A 171 -12.24 2.97 -2.43
N SER A 172 -13.32 2.42 -1.88
CA SER A 172 -13.32 1.98 -0.49
C SER A 172 -12.91 0.52 -0.36
N VAL A 173 -12.38 -0.09 -1.42
CA VAL A 173 -11.93 -1.47 -1.34
C VAL A 173 -10.84 -1.57 -0.28
N GLY A 174 -10.87 -2.67 0.47
CA GLY A 174 -9.92 -2.88 1.54
C GLY A 174 -10.62 -3.41 2.77
N THR A 175 -9.89 -3.39 3.89
CA THR A 175 -10.44 -3.85 5.16
C THR A 175 -11.82 -3.25 5.39
N LYS A 176 -12.79 -4.10 5.69
CA LYS A 176 -14.15 -3.66 5.95
C LYS A 176 -14.29 -3.37 7.44
N PHE A 177 -14.46 -2.11 7.78
CA PHE A 177 -14.65 -1.66 9.15
C PHE A 177 -16.13 -1.52 9.47
N PRO A 178 -16.49 -1.41 10.75
CA PRO A 178 -17.91 -1.33 11.12
C PRO A 178 -18.66 -0.25 10.36
N VAL A 179 -19.78 -0.65 9.74
CA VAL A 179 -20.52 0.27 8.88
C VAL A 179 -21.32 1.28 9.70
N LYS A 180 -21.52 1.03 10.99
CA LYS A 180 -22.20 2.00 11.84
C LYS A 180 -21.41 3.28 12.01
N TRP A 181 -20.18 3.34 11.51
CA TRP A 181 -19.39 4.56 11.51
C TRP A 181 -19.11 5.08 10.10
N SER A 182 -19.71 4.47 9.08
CA SER A 182 -19.40 4.76 7.69
C SER A 182 -20.45 5.68 7.06
N ALA A 183 -20.00 6.49 6.11
CA ALA A 183 -20.84 7.47 5.43
C ALA A 183 -21.55 6.84 4.25
N PRO A 184 -22.55 7.54 3.70
CA PRO A 184 -23.30 6.95 2.57
C PRO A 184 -22.44 6.57 1.38
N GLU A 185 -21.49 7.43 0.99
CA GLU A 185 -20.65 7.09 -0.15
C GLU A 185 -19.85 5.82 0.07
N VAL A 186 -19.62 5.43 1.32
CA VAL A 186 -18.84 4.23 1.62
C VAL A 186 -19.68 2.98 1.41
N PHE A 187 -20.82 2.88 2.11
CA PHE A 187 -21.60 1.65 2.05
C PHE A 187 -22.54 1.60 0.85
N HIS A 188 -22.80 2.73 0.19
CA HIS A 188 -23.67 2.75 -0.98
C HIS A 188 -22.90 2.78 -2.29
N TYR A 189 -21.89 3.64 -2.39
CA TYR A 189 -21.12 3.79 -3.63
C TYR A 189 -19.73 3.18 -3.56
N PHE A 190 -19.34 2.63 -2.40
CA PHE A 190 -18.02 2.02 -2.25
C PHE A 190 -16.91 3.01 -2.60
N LYS A 191 -17.05 4.24 -2.12
CA LYS A 191 -16.05 5.27 -2.31
C LYS A 191 -15.79 5.96 -0.98
N TYR A 192 -14.53 6.33 -0.76
CA TYR A 192 -14.18 7.30 0.28
C TYR A 192 -14.07 8.68 -0.35
N SER A 193 -14.42 9.70 0.42
CA SER A 193 -14.12 11.08 0.08
C SER A 193 -13.17 11.65 1.12
N SER A 194 -12.74 12.88 0.91
CA SER A 194 -11.89 13.53 1.90
C SER A 194 -12.64 13.89 3.17
N LYS A 195 -13.94 13.59 3.24
CA LYS A 195 -14.76 13.88 4.41
C LYS A 195 -15.54 12.66 4.87
N SER A 196 -15.14 11.45 4.45
CA SER A 196 -15.78 10.25 4.98
C SER A 196 -15.46 10.08 6.46
N ASP A 197 -14.25 10.46 6.89
CA ASP A 197 -13.92 10.41 8.30
C ASP A 197 -14.59 11.54 9.08
N VAL A 198 -15.00 12.61 8.41
CA VAL A 198 -15.79 13.65 9.07
C VAL A 198 -17.11 13.07 9.55
N TRP A 199 -17.77 12.27 8.70
CA TRP A 199 -18.97 11.57 9.12
C TRP A 199 -18.69 10.70 10.33
N ALA A 200 -17.62 9.90 10.28
CA ALA A 200 -17.28 9.03 11.40
C ALA A 200 -16.96 9.82 12.65
N PHE A 201 -16.43 11.05 12.50
CA PHE A 201 -16.15 11.87 13.66
C PHE A 201 -17.43 12.30 14.37
N GLY A 202 -18.50 12.52 13.60
CA GLY A 202 -19.79 12.77 14.23
C GLY A 202 -20.27 11.58 15.05
N ILE A 203 -20.07 10.36 14.54
CA ILE A 203 -20.42 9.18 15.30
C ILE A 203 -19.57 9.08 16.55
N LEU A 204 -18.28 9.46 16.43
CA LEU A 204 -17.40 9.48 17.59
C LEU A 204 -17.91 10.45 18.64
N MET A 205 -18.30 11.65 18.22
CA MET A 205 -18.88 12.62 19.15
C MET A 205 -20.08 12.02 19.87
N TRP A 206 -20.90 11.26 19.16
CA TRP A 206 -22.04 10.60 19.80
C TRP A 206 -21.57 9.59 20.84
N GLU A 207 -20.55 8.80 20.51
CA GLU A 207 -19.97 7.87 21.47
C GLU A 207 -19.54 8.59 22.75
N VAL A 208 -18.82 9.71 22.58
CA VAL A 208 -18.20 10.38 23.73
C VAL A 208 -19.28 10.86 24.70
N PHE A 209 -20.28 11.57 24.20
CA PHE A 209 -21.33 12.11 25.05
C PHE A 209 -22.36 11.05 25.47
N SER A 210 -22.37 9.89 24.82
CA SER A 210 -23.15 8.76 25.28
C SER A 210 -22.36 7.84 26.20
N LEU A 211 -21.14 8.24 26.58
CA LEU A 211 -20.31 7.47 27.51
C LEU A 211 -20.08 6.05 27.00
N GLY A 212 -19.85 5.93 25.70
CA GLY A 212 -19.46 4.66 25.11
C GLY A 212 -20.61 3.75 24.73
N LYS A 213 -21.83 4.24 24.66
CA LYS A 213 -22.93 3.42 24.17
C LYS A 213 -22.73 3.10 22.69
N MET A 214 -23.23 1.94 22.28
CA MET A 214 -23.12 1.55 20.88
C MET A 214 -24.14 2.32 20.04
N PRO A 215 -23.72 3.02 19.00
CA PRO A 215 -24.69 3.67 18.12
C PRO A 215 -25.61 2.65 17.46
N TYR A 216 -26.88 3.03 17.30
CA TYR A 216 -27.89 2.14 16.75
C TYR A 216 -27.85 0.78 17.45
N ASP A 217 -27.93 0.83 18.78
CA ASP A 217 -27.72 -0.37 19.58
C ASP A 217 -28.69 -1.49 19.20
N LEU A 218 -29.94 -1.15 18.90
CA LEU A 218 -30.98 -2.14 18.67
C LEU A 218 -31.13 -2.54 17.21
N TYR A 219 -30.28 -2.04 16.32
CA TYR A 219 -30.45 -2.24 14.89
C TYR A 219 -29.20 -2.88 14.29
N THR A 220 -29.43 -3.71 13.27
CA THR A 220 -28.36 -4.38 12.56
C THR A 220 -27.80 -3.49 11.46
N ASN A 221 -26.68 -3.92 10.88
CA ASN A 221 -26.02 -3.14 9.84
C ASN A 221 -26.96 -2.88 8.66
N SER A 222 -27.71 -3.90 8.25
CA SER A 222 -28.63 -3.73 7.12
C SER A 222 -29.70 -2.71 7.45
N GLU A 223 -30.17 -2.68 8.70
CA GLU A 223 -31.21 -1.74 9.09
C GLU A 223 -30.66 -0.31 9.16
N VAL A 224 -29.42 -0.16 9.62
CA VAL A 224 -28.83 1.17 9.73
C VAL A 224 -28.62 1.79 8.35
N VAL A 225 -28.01 1.03 7.45
CA VAL A 225 -27.80 1.51 6.09
C VAL A 225 -29.12 1.99 5.50
N LEU A 226 -30.18 1.20 5.66
CA LEU A 226 -31.47 1.54 5.09
C LEU A 226 -32.01 2.84 5.68
N LYS A 227 -31.91 3.01 7.00
CA LYS A 227 -32.52 4.16 7.65
C LYS A 227 -31.66 5.42 7.55
N VAL A 228 -30.34 5.27 7.46
CA VAL A 228 -29.49 6.42 7.19
C VAL A 228 -29.78 6.98 5.81
N SER A 229 -30.04 6.09 4.84
CA SER A 229 -30.43 6.54 3.51
C SER A 229 -31.76 7.27 3.54
N GLN A 230 -32.65 6.91 4.48
CA GLN A 230 -33.95 7.53 4.59
C GLN A 230 -33.92 8.81 5.43
N GLY A 231 -32.74 9.27 5.84
CA GLY A 231 -32.61 10.53 6.55
C GLY A 231 -32.53 10.41 8.06
N HIS A 232 -32.79 9.22 8.62
CA HIS A 232 -32.70 9.07 10.06
C HIS A 232 -31.25 9.15 10.53
N ARG A 233 -31.07 9.69 11.73
CA ARG A 233 -29.75 9.91 12.31
C ARG A 233 -29.79 9.58 13.80
N LEU A 234 -28.61 9.54 14.39
CA LEU A 234 -28.51 9.31 15.83
C LEU A 234 -29.13 10.48 16.59
N TYR A 235 -29.67 10.18 17.77
CA TYR A 235 -30.37 11.17 18.57
C TYR A 235 -29.39 11.97 19.42
N ARG A 236 -29.89 13.10 19.94
CA ARG A 236 -29.12 13.95 20.84
C ARG A 236 -28.73 13.18 22.09
N PRO A 237 -27.44 13.01 22.39
CA PRO A 237 -27.06 12.32 23.62
C PRO A 237 -27.55 13.07 24.86
N HIS A 238 -27.71 12.31 25.94
CA HIS A 238 -28.19 12.88 27.19
C HIS A 238 -27.30 14.02 27.68
N LEU A 239 -25.98 13.87 27.52
CA LEU A 239 -25.03 14.83 28.05
C LEU A 239 -24.64 15.91 27.04
N ALA A 240 -25.26 15.94 25.87
CA ALA A 240 -24.92 16.91 24.83
C ALA A 240 -25.95 18.02 24.77
N SER A 241 -25.48 19.27 24.78
CA SER A 241 -26.35 20.41 24.62
C SER A 241 -26.86 20.50 23.18
N ASP A 242 -27.83 21.40 22.96
CA ASP A 242 -28.34 21.62 21.62
C ASP A 242 -27.23 22.05 20.67
N THR A 243 -26.32 22.91 21.13
CA THR A 243 -25.25 23.38 20.26
C THR A 243 -24.28 22.26 19.92
N ILE A 244 -23.92 21.42 20.90
CA ILE A 244 -22.99 20.33 20.63
C ILE A 244 -23.63 19.31 19.70
N TYR A 245 -24.92 19.04 19.87
CA TYR A 245 -25.60 18.14 18.94
C TYR A 245 -25.62 18.72 17.54
N GLN A 246 -25.77 20.04 17.43
CA GLN A 246 -25.76 20.69 16.12
C GLN A 246 -24.44 20.44 15.40
N ILE A 247 -23.33 20.42 16.15
CA ILE A 247 -22.02 20.19 15.54
C ILE A 247 -21.93 18.77 14.99
N MET A 248 -22.16 17.78 15.85
CA MET A 248 -22.05 16.39 15.41
C MET A 248 -23.09 16.05 14.36
N TYR A 249 -24.28 16.63 14.44
CA TYR A 249 -25.30 16.38 13.42
C TYR A 249 -24.84 16.86 12.04
N SER A 250 -24.13 18.00 12.00
CA SER A 250 -23.63 18.52 10.74
C SER A 250 -22.62 17.59 10.09
N CYS A 251 -21.97 16.72 10.86
CA CYS A 251 -21.06 15.75 10.27
C CYS A 251 -21.79 14.69 9.47
N TRP A 252 -23.11 14.56 9.66
CA TRP A 252 -23.89 13.45 9.11
C TRP A 252 -24.69 13.87 7.88
N HIS A 253 -24.26 14.89 7.16
CA HIS A 253 -24.92 15.25 5.92
C HIS A 253 -24.66 14.19 4.85
N GLU A 254 -25.68 13.87 4.08
CA GLU A 254 -25.56 12.83 3.07
C GLU A 254 -24.46 13.16 2.07
N LEU A 255 -24.39 14.42 1.63
CA LEU A 255 -23.40 14.82 0.64
C LEU A 255 -22.08 15.15 1.31
N PRO A 256 -20.96 14.55 0.90
CA PRO A 256 -19.67 14.98 1.45
C PRO A 256 -19.40 16.46 1.26
N GLU A 257 -19.82 17.02 0.11
CA GLU A 257 -19.51 18.42 -0.19
C GLU A 257 -20.16 19.38 0.78
N LYS A 258 -21.19 18.95 1.52
CA LYS A 258 -21.86 19.78 2.49
C LYS A 258 -21.41 19.50 3.92
N ARG A 259 -20.45 18.61 4.11
CA ARG A 259 -19.91 18.40 5.45
C ARG A 259 -18.74 19.36 5.70
N PRO A 260 -18.49 19.72 6.95
CA PRO A 260 -17.36 20.60 7.25
C PRO A 260 -16.03 19.85 7.26
N THR A 261 -14.96 20.62 7.14
CA THR A 261 -13.63 20.10 7.34
C THR A 261 -13.29 20.10 8.82
N PHE A 262 -12.32 19.27 9.20
CA PHE A 262 -11.88 19.25 10.59
C PHE A 262 -11.41 20.62 11.04
N GLN A 263 -10.86 21.41 10.12
CA GLN A 263 -10.49 22.79 10.45
C GLN A 263 -11.71 23.61 10.81
N GLN A 264 -12.78 23.49 10.03
CA GLN A 264 -14.02 24.20 10.37
C GLN A 264 -14.61 23.70 11.68
N LEU A 265 -14.60 22.39 11.88
CA LEU A 265 -15.06 21.84 13.15
C LEU A 265 -14.17 22.30 14.30
N LEU A 266 -12.86 22.45 14.04
CA LEU A 266 -11.96 22.96 15.06
C LEU A 266 -12.39 24.34 15.53
N SER A 267 -12.76 25.22 14.59
CA SER A 267 -13.17 26.57 14.95
C SER A 267 -14.56 26.61 15.59
N SER A 268 -15.40 25.61 15.34
CA SER A 268 -16.73 25.58 15.95
C SER A 268 -16.66 25.08 17.40
N ILE A 269 -15.69 24.24 17.72
CA ILE A 269 -15.59 23.67 19.06
C ILE A 269 -14.81 24.57 20.00
N GLU A 270 -13.82 25.31 19.49
CA GLU A 270 -12.99 26.18 20.33
C GLU A 270 -13.81 27.12 21.21
N PRO A 271 -14.81 27.84 20.71
CA PRO A 271 -15.58 28.73 21.61
C PRO A 271 -16.26 28.00 22.74
N LEU A 272 -16.52 26.70 22.61
CA LEU A 272 -17.25 25.94 23.63
C LEU A 272 -16.33 25.34 24.69
N ARG A 273 -15.03 25.55 24.60
CA ARG A 273 -14.11 24.93 25.55
C ARG A 273 -14.09 25.71 26.87
N GLU A 274 -13.62 25.04 27.91
CA GLU A 274 -13.53 25.62 29.24
C GLU A 274 -12.27 26.48 29.37
N GLU B 14 -13.69 -0.02 -12.12
CA GLU B 14 -14.51 -1.22 -12.06
C GLU B 14 -15.16 -1.50 -13.41
N LEU B 15 -15.21 -2.78 -13.79
CA LEU B 15 -15.81 -3.20 -15.04
C LEU B 15 -16.99 -4.12 -14.76
N LYS B 16 -17.77 -4.40 -15.80
CA LYS B 16 -18.92 -5.29 -15.71
C LYS B 16 -18.52 -6.70 -16.11
N ARG B 17 -18.81 -7.68 -15.23
CA ARG B 17 -18.46 -9.05 -15.54
C ARG B 17 -19.23 -9.58 -16.74
N GLU B 18 -20.49 -9.16 -16.89
CA GLU B 18 -21.29 -9.64 -18.00
C GLU B 18 -20.72 -9.22 -19.34
N GLU B 19 -19.93 -8.14 -19.37
CA GLU B 19 -19.33 -7.64 -20.60
C GLU B 19 -17.97 -8.27 -20.88
N ILE B 20 -17.63 -9.37 -20.20
CA ILE B 20 -16.33 -10.03 -20.34
C ILE B 20 -16.59 -11.50 -20.68
N THR B 21 -16.20 -11.91 -21.88
CA THR B 21 -16.27 -13.30 -22.29
C THR B 21 -14.89 -13.94 -22.14
N LEU B 22 -14.84 -15.13 -21.55
CA LEU B 22 -13.60 -15.86 -21.35
C LEU B 22 -13.45 -16.90 -22.46
N LEU B 23 -12.29 -16.88 -23.13
CA LEU B 23 -12.07 -17.71 -24.30
C LEU B 23 -11.13 -18.87 -24.06
N LYS B 24 -9.98 -18.64 -23.41
CA LYS B 24 -8.98 -19.68 -23.23
C LYS B 24 -7.98 -19.19 -22.19
N GLU B 25 -7.13 -20.11 -21.73
CA GLU B 25 -6.12 -19.80 -20.74
C GLU B 25 -4.84 -19.34 -21.42
N LEU B 26 -4.32 -18.20 -20.99
CA LEU B 26 -3.06 -17.67 -21.49
C LEU B 26 -1.86 -18.16 -20.67
N GLY B 27 -2.09 -18.70 -19.49
CA GLY B 27 -1.04 -19.16 -18.61
C GLY B 27 -1.40 -18.92 -17.16
N SER B 28 -0.62 -19.56 -16.28
CA SER B 28 -0.84 -19.48 -14.85
C SER B 28 0.20 -18.55 -14.21
N GLY B 29 -0.25 -17.43 -13.68
CA GLY B 29 0.61 -16.52 -12.97
C GLY B 29 0.80 -16.93 -11.52
N GLN B 30 1.30 -15.98 -10.72
CA GLN B 30 1.57 -16.26 -9.31
C GLN B 30 0.31 -16.18 -8.46
N PHE B 31 -0.64 -15.32 -8.81
CA PHE B 31 -1.87 -15.14 -8.05
C PHE B 31 -3.05 -15.91 -8.63
N GLY B 32 -2.89 -16.54 -9.78
CA GLY B 32 -3.97 -17.32 -10.35
C GLY B 32 -3.80 -17.46 -11.85
N VAL B 33 -4.78 -18.14 -12.44
CA VAL B 33 -4.76 -18.37 -13.88
C VAL B 33 -5.13 -17.07 -14.61
N VAL B 34 -4.52 -16.88 -15.77
CA VAL B 34 -4.82 -15.74 -16.63
C VAL B 34 -5.43 -16.27 -17.92
N LYS B 35 -6.60 -15.74 -18.28
CA LYS B 35 -7.35 -16.21 -19.43
C LYS B 35 -7.48 -15.11 -20.47
N LEU B 36 -7.46 -15.52 -21.73
CA LEU B 36 -7.82 -14.62 -22.81
C LEU B 36 -9.33 -14.38 -22.78
N GLY B 37 -9.72 -13.13 -23.06
CA GLY B 37 -11.12 -12.78 -23.03
C GLY B 37 -11.44 -11.67 -24.02
N LYS B 38 -12.72 -11.57 -24.36
CA LYS B 38 -13.24 -10.47 -25.16
C LYS B 38 -14.05 -9.56 -24.24
N TRP B 39 -13.75 -8.27 -24.28
CA TRP B 39 -14.37 -7.28 -23.41
C TRP B 39 -15.30 -6.40 -24.24
N LYS B 40 -16.51 -6.19 -23.73
CA LYS B 40 -17.51 -5.39 -24.44
C LYS B 40 -17.70 -5.89 -25.87
N GLY B 41 -17.47 -7.17 -26.07
CA GLY B 41 -17.58 -7.74 -27.41
C GLY B 41 -16.82 -6.96 -28.46
N GLN B 42 -15.68 -6.40 -28.07
CA GLN B 42 -14.95 -5.48 -28.95
C GLN B 42 -13.45 -5.53 -28.72
N TYR B 43 -13.03 -5.56 -27.46
CA TYR B 43 -11.62 -5.45 -27.10
C TYR B 43 -11.09 -6.80 -26.62
N ASP B 44 -9.92 -7.19 -27.13
CA ASP B 44 -9.22 -8.35 -26.62
C ASP B 44 -8.49 -7.97 -25.33
N VAL B 45 -8.59 -8.84 -24.33
CA VAL B 45 -8.05 -8.55 -23.01
C VAL B 45 -7.44 -9.82 -22.41
N ALA B 46 -6.57 -9.61 -21.42
CA ALA B 46 -6.09 -10.67 -20.55
C ALA B 46 -6.71 -10.48 -19.18
N VAL B 47 -7.13 -11.58 -18.56
CA VAL B 47 -7.91 -11.54 -17.33
C VAL B 47 -7.16 -12.34 -16.27
N LYS B 48 -6.52 -11.64 -15.34
CA LYS B 48 -5.97 -12.29 -14.16
C LYS B 48 -7.09 -12.58 -13.17
N MET B 49 -7.13 -13.81 -12.68
CA MET B 49 -8.16 -14.25 -11.75
C MET B 49 -7.50 -14.50 -10.40
N ILE B 50 -7.82 -13.65 -9.43
CA ILE B 50 -7.18 -13.69 -8.12
C ILE B 50 -7.99 -14.63 -7.23
N LYS B 51 -7.39 -15.75 -6.86
CA LYS B 51 -8.03 -16.69 -5.97
C LYS B 51 -8.36 -16.00 -4.65
N GLU B 52 -9.47 -16.42 -4.04
CA GLU B 52 -9.83 -15.89 -2.73
C GLU B 52 -8.78 -16.27 -1.71
N GLY B 53 -8.27 -15.27 -0.98
CA GLY B 53 -7.29 -15.49 0.05
C GLY B 53 -5.87 -15.18 -0.36
N SER B 54 -5.55 -15.21 -1.65
CA SER B 54 -4.18 -14.99 -2.08
C SER B 54 -3.78 -13.52 -2.04
N MET B 55 -4.64 -12.64 -1.55
CA MET B 55 -4.32 -11.23 -1.47
C MET B 55 -5.33 -10.54 -0.57
N SER B 56 -4.85 -9.64 0.28
CA SER B 56 -5.70 -8.85 1.15
C SER B 56 -6.40 -7.75 0.36
N GLU B 57 -7.61 -7.41 0.80
CA GLU B 57 -8.37 -6.36 0.12
C GLU B 57 -7.61 -5.04 0.15
N ASP B 58 -6.92 -4.73 1.26
CA ASP B 58 -6.04 -3.56 1.28
C ASP B 58 -4.98 -3.66 0.20
N GLU B 59 -4.31 -4.83 0.10
CA GLU B 59 -3.31 -5.03 -0.93
C GLU B 59 -3.92 -4.84 -2.32
N PHE B 60 -5.12 -5.36 -2.53
CA PHE B 60 -5.75 -5.25 -3.85
C PHE B 60 -5.99 -3.78 -4.21
N PHE B 61 -6.36 -2.96 -3.22
CA PHE B 61 -6.59 -1.54 -3.50
C PHE B 61 -5.30 -0.81 -3.77
N GLN B 62 -4.20 -1.23 -3.14
CA GLN B 62 -2.90 -0.65 -3.46
C GLN B 62 -2.46 -1.04 -4.85
N GLU B 63 -2.59 -2.34 -5.18
CA GLU B 63 -2.22 -2.81 -6.51
C GLU B 63 -3.10 -2.16 -7.58
N ALA B 64 -4.40 -2.01 -7.30
CA ALA B 64 -5.31 -1.48 -8.30
C ALA B 64 -4.98 -0.04 -8.66
N GLN B 65 -4.57 0.77 -7.68
CA GLN B 65 -4.24 2.16 -7.96
C GLN B 65 -2.76 2.37 -8.22
N THR B 66 -1.92 1.38 -7.93
CA THR B 66 -0.56 1.39 -8.43
C THR B 66 -0.58 1.31 -9.95
N MET B 67 -1.30 0.32 -10.47
CA MET B 67 -1.40 0.14 -11.92
C MET B 67 -2.03 1.37 -12.57
N MET B 68 -3.15 1.86 -12.02
CA MET B 68 -3.85 2.97 -12.66
C MET B 68 -2.95 4.20 -12.74
N LYS B 69 -2.19 4.50 -11.69
CA LYS B 69 -1.32 5.67 -11.75
C LYS B 69 -0.06 5.40 -12.57
N LEU B 70 0.44 4.17 -12.54
CA LEU B 70 1.61 3.80 -13.34
C LEU B 70 1.12 3.39 -14.72
N SER B 71 0.77 4.39 -15.52
CA SER B 71 0.33 4.19 -16.88
C SER B 71 1.41 4.73 -17.80
N HIS B 72 1.92 3.88 -18.70
CA HIS B 72 3.03 4.26 -19.55
C HIS B 72 2.98 3.39 -20.80
N PRO B 73 3.40 3.92 -21.96
CA PRO B 73 3.37 3.08 -23.18
C PRO B 73 4.19 1.81 -23.07
N LYS B 74 5.16 1.75 -22.17
CA LYS B 74 6.00 0.58 -21.99
C LYS B 74 5.61 -0.24 -20.77
N LEU B 75 4.42 0.00 -20.21
CA LEU B 75 3.86 -0.79 -19.14
C LEU B 75 2.53 -1.37 -19.61
N VAL B 76 2.25 -2.61 -19.23
CA VAL B 76 0.99 -3.25 -19.59
C VAL B 76 -0.16 -2.35 -19.15
N LYS B 77 -1.09 -2.11 -20.07
CA LYS B 77 -2.20 -1.20 -19.78
C LYS B 77 -3.25 -1.90 -18.95
N PHE B 78 -3.59 -1.28 -17.82
CA PHE B 78 -4.63 -1.75 -16.93
C PHE B 78 -5.95 -1.12 -17.35
N TYR B 79 -6.95 -1.96 -17.61
CA TYR B 79 -8.27 -1.49 -18.00
C TYR B 79 -9.25 -1.36 -16.84
N GLY B 80 -9.24 -2.31 -15.91
CA GLY B 80 -10.12 -2.22 -14.77
C GLY B 80 -10.11 -3.52 -13.98
N VAL B 81 -11.03 -3.61 -13.02
CA VAL B 81 -11.16 -4.78 -12.18
C VAL B 81 -12.64 -5.12 -12.01
N CYS B 82 -12.89 -6.40 -11.72
CA CYS B 82 -14.20 -6.88 -11.28
C CYS B 82 -13.98 -7.54 -9.92
N SER B 83 -14.38 -6.86 -8.84
CA SER B 83 -14.08 -7.32 -7.49
C SER B 83 -15.35 -7.49 -6.65
N LYS B 84 -16.50 -7.61 -7.30
CA LYS B 84 -17.77 -7.86 -6.60
C LYS B 84 -18.01 -9.35 -6.34
N GLU B 85 -17.42 -10.23 -7.14
CA GLU B 85 -17.60 -11.67 -6.99
C GLU B 85 -16.26 -12.35 -6.74
N TYR B 86 -16.16 -13.64 -7.07
CA TYR B 86 -15.38 -14.59 -6.27
C TYR B 86 -13.94 -14.64 -6.74
N PRO B 87 -13.63 -15.04 -7.98
CA PRO B 87 -12.29 -14.74 -8.49
C PRO B 87 -12.27 -13.29 -8.97
N ILE B 88 -11.39 -12.49 -8.38
CA ILE B 88 -11.32 -11.08 -8.73
C ILE B 88 -10.59 -10.94 -10.05
N TYR B 89 -11.20 -10.20 -10.98
CA TYR B 89 -10.60 -9.95 -12.29
C TYR B 89 -9.73 -8.70 -12.24
N ILE B 90 -8.53 -8.81 -12.83
CA ILE B 90 -7.72 -7.66 -13.18
C ILE B 90 -7.57 -7.71 -14.70
N VAL B 91 -8.17 -6.74 -15.39
CA VAL B 91 -8.26 -6.75 -16.84
C VAL B 91 -7.21 -5.83 -17.41
N THR B 92 -6.36 -6.35 -18.29
CA THR B 92 -5.33 -5.59 -18.97
C THR B 92 -5.46 -5.83 -20.47
N GLU B 93 -4.71 -5.05 -21.24
CA GLU B 93 -4.65 -5.27 -22.68
C GLU B 93 -4.05 -6.63 -22.99
N TYR B 94 -4.51 -7.23 -24.08
CA TYR B 94 -3.90 -8.43 -24.62
C TYR B 94 -2.75 -8.02 -25.54
N ILE B 95 -1.62 -8.72 -25.40
CA ILE B 95 -0.40 -8.39 -26.14
C ILE B 95 -0.09 -9.55 -27.07
N SER B 96 -0.07 -9.27 -28.38
CA SER B 96 -0.26 -10.29 -29.40
C SER B 96 0.89 -11.29 -29.52
N ASN B 97 2.11 -10.94 -29.09
CA ASN B 97 3.24 -11.84 -29.26
C ASN B 97 3.71 -12.46 -27.94
N GLY B 98 3.02 -12.19 -26.83
CA GLY B 98 3.21 -12.97 -25.64
C GLY B 98 4.45 -12.61 -24.83
N CYS B 99 4.86 -13.58 -24.01
CA CYS B 99 5.93 -13.36 -23.05
C CYS B 99 7.26 -13.18 -23.77
N LEU B 100 8.02 -12.15 -23.36
CA LEU B 100 9.30 -11.89 -24.00
C LEU B 100 10.24 -13.09 -23.88
N LEU B 101 10.28 -13.73 -22.71
CA LEU B 101 11.15 -14.88 -22.54
C LEU B 101 10.84 -15.95 -23.59
N ASN B 102 9.57 -16.31 -23.73
CA ASN B 102 9.20 -17.31 -24.74
C ASN B 102 9.59 -16.85 -26.14
N TYR B 103 9.39 -15.56 -26.44
CA TYR B 103 9.69 -15.06 -27.78
C TYR B 103 11.18 -15.13 -28.06
N LEU B 104 12.02 -14.78 -27.08
CA LEU B 104 13.46 -14.86 -27.28
C LEU B 104 13.90 -16.28 -27.61
N ARG B 105 13.35 -17.26 -26.89
CA ARG B 105 13.75 -18.64 -27.09
C ARG B 105 13.21 -19.23 -28.37
N SER B 106 12.16 -18.64 -28.95
CA SER B 106 11.54 -19.18 -30.16
C SER B 106 11.92 -18.44 -31.43
N HIS B 107 12.11 -17.12 -31.36
CA HIS B 107 12.39 -16.32 -32.55
C HIS B 107 13.65 -15.47 -32.41
N GLY B 108 14.47 -15.71 -31.39
CA GLY B 108 15.64 -14.88 -31.18
C GLY B 108 16.68 -15.02 -32.26
N LYS B 109 16.79 -16.21 -32.85
CA LYS B 109 17.77 -16.44 -33.91
C LYS B 109 17.54 -15.55 -35.13
N GLY B 110 16.35 -14.95 -35.25
CA GLY B 110 16.02 -14.06 -36.34
C GLY B 110 16.07 -12.59 -36.01
N LEU B 111 16.45 -12.21 -34.79
CA LEU B 111 16.48 -10.82 -34.38
C LEU B 111 17.87 -10.23 -34.56
N GLU B 112 17.93 -9.01 -35.07
CA GLU B 112 19.19 -8.29 -35.18
C GLU B 112 19.60 -7.72 -33.83
N PRO B 113 20.90 -7.45 -33.64
CA PRO B 113 21.32 -6.85 -32.37
C PRO B 113 20.68 -5.50 -32.10
N SER B 114 20.37 -4.75 -33.16
CA SER B 114 19.71 -3.45 -32.98
C SER B 114 18.28 -3.62 -32.48
N GLN B 115 17.61 -4.69 -32.89
CA GLN B 115 16.28 -4.97 -32.36
C GLN B 115 16.35 -5.38 -30.89
N LEU B 116 17.33 -6.20 -30.53
CA LEU B 116 17.54 -6.58 -29.14
C LEU B 116 17.74 -5.34 -28.28
N LEU B 117 18.52 -4.37 -28.77
CA LEU B 117 18.70 -3.13 -28.02
C LEU B 117 17.39 -2.39 -27.87
N GLU B 118 16.53 -2.45 -28.89
CA GLU B 118 15.23 -1.77 -28.82
C GLU B 118 14.38 -2.34 -27.70
N MET B 119 14.44 -3.66 -27.51
CA MET B 119 13.72 -4.29 -26.41
C MET B 119 14.21 -3.76 -25.06
N CYS B 120 15.53 -3.68 -24.90
CA CYS B 120 16.10 -3.16 -23.66
C CYS B 120 15.69 -1.71 -23.43
N TYR B 121 15.67 -0.90 -24.50
CA TYR B 121 15.27 0.49 -24.35
C TYR B 121 13.84 0.59 -23.84
N ASP B 122 12.92 -0.16 -24.45
CA ASP B 122 11.54 -0.18 -24.00
C ASP B 122 11.46 -0.46 -22.50
N VAL B 123 12.11 -1.53 -22.06
CA VAL B 123 12.09 -1.89 -20.64
C VAL B 123 12.70 -0.76 -19.82
N CYS B 124 13.78 -0.15 -20.32
CA CYS B 124 14.42 0.93 -19.59
C CYS B 124 13.50 2.15 -19.50
N GLU B 125 12.75 2.42 -20.56
CA GLU B 125 11.83 3.55 -20.56
C GLU B 125 10.74 3.35 -19.50
N GLY B 126 10.12 2.17 -19.50
CA GLY B 126 9.09 1.91 -18.52
C GLY B 126 9.61 1.94 -17.10
N MET B 127 10.82 1.40 -16.88
CA MET B 127 11.40 1.43 -15.55
C MET B 127 11.79 2.84 -15.13
N ALA B 128 12.22 3.67 -16.09
CA ALA B 128 12.50 5.07 -15.77
C ALA B 128 11.24 5.78 -15.28
N PHE B 129 10.07 5.33 -15.73
CA PHE B 129 8.81 5.92 -15.28
C PHE B 129 8.47 5.46 -13.86
N LEU B 130 8.67 4.17 -13.57
CA LEU B 130 8.48 3.68 -12.20
C LEU B 130 9.44 4.38 -11.24
N GLU B 131 10.69 4.53 -11.64
CA GLU B 131 11.69 5.17 -10.80
C GLU B 131 11.29 6.60 -10.46
N SER B 132 10.69 7.32 -11.41
CA SER B 132 10.27 8.69 -11.16
C SER B 132 9.13 8.78 -10.16
N HIS B 133 8.45 7.66 -9.88
CA HIS B 133 7.40 7.61 -8.87
C HIS B 133 7.83 6.82 -7.65
N GLN B 134 9.13 6.60 -7.46
CA GLN B 134 9.67 5.93 -6.28
C GLN B 134 9.17 4.50 -6.14
N PHE B 135 8.92 3.84 -7.26
CA PHE B 135 8.57 2.41 -7.28
C PHE B 135 9.68 1.61 -7.94
N ILE B 136 10.01 0.47 -7.34
CA ILE B 136 10.94 -0.49 -7.93
C ILE B 136 10.15 -1.70 -8.40
N HIS B 137 10.75 -2.46 -9.31
CA HIS B 137 10.21 -3.73 -9.78
C HIS B 137 10.92 -4.86 -9.05
N ARG B 138 10.15 -5.72 -8.39
CA ARG B 138 10.70 -6.75 -7.51
C ARG B 138 11.15 -8.00 -8.26
N ASP B 139 10.86 -8.12 -9.56
CA ASP B 139 11.27 -9.27 -10.34
C ASP B 139 11.46 -8.87 -11.80
N LEU B 140 12.34 -7.90 -12.03
CA LEU B 140 12.58 -7.39 -13.39
C LEU B 140 13.35 -8.44 -14.18
N ALA B 141 12.63 -9.23 -14.97
CA ALA B 141 13.23 -10.29 -15.77
C ALA B 141 12.43 -10.43 -17.06
N ALA B 142 13.01 -11.18 -18.01
CA ALA B 142 12.35 -11.37 -19.29
C ALA B 142 10.99 -12.05 -19.13
N ARG B 143 10.82 -12.85 -18.07
CA ARG B 143 9.57 -13.55 -17.82
C ARG B 143 8.42 -12.61 -17.47
N ASN B 144 8.70 -11.35 -17.15
CA ASN B 144 7.66 -10.39 -16.79
C ASN B 144 7.51 -9.29 -17.83
N CYS B 145 8.02 -9.52 -19.03
CA CYS B 145 7.88 -8.59 -20.15
C CYS B 145 7.09 -9.25 -21.26
N LEU B 146 6.36 -8.43 -22.03
CA LEU B 146 5.49 -8.91 -23.08
C LEU B 146 5.80 -8.20 -24.39
N VAL B 147 5.57 -8.92 -25.49
CA VAL B 147 5.93 -8.47 -26.83
C VAL B 147 4.66 -8.26 -27.63
N ASP B 148 4.51 -7.06 -28.21
CA ASP B 148 3.34 -6.75 -29.02
C ASP B 148 3.67 -6.98 -30.51
N ARG B 149 2.77 -6.52 -31.38
CA ARG B 149 2.92 -6.82 -32.81
C ARG B 149 4.17 -6.19 -33.40
N ASP B 150 4.60 -5.05 -32.87
CA ASP B 150 5.78 -4.34 -33.37
C ASP B 150 7.05 -4.74 -32.64
N LEU B 151 7.02 -5.82 -31.86
CA LEU B 151 8.12 -6.24 -31.01
C LEU B 151 8.44 -5.23 -29.91
N CYS B 152 7.56 -4.25 -29.69
CA CYS B 152 7.73 -3.34 -28.56
C CYS B 152 7.49 -4.09 -27.26
N VAL B 153 8.33 -3.83 -26.27
CA VAL B 153 8.31 -4.57 -25.01
C VAL B 153 7.60 -3.74 -23.95
N LYS B 154 6.66 -4.38 -23.25
CA LYS B 154 5.96 -3.75 -22.13
C LYS B 154 6.21 -4.58 -20.87
N VAL B 155 6.45 -3.89 -19.77
CA VAL B 155 6.77 -4.54 -18.50
C VAL B 155 5.49 -4.78 -17.73
N SER B 156 5.31 -6.02 -17.28
CA SER B 156 4.20 -6.39 -16.41
C SER B 156 4.65 -6.22 -14.97
N ASP B 157 3.82 -5.53 -14.16
CA ASP B 157 4.24 -5.11 -12.83
C ASP B 157 3.22 -5.43 -11.74
N PHE B 158 2.22 -6.26 -12.02
CA PHE B 158 1.21 -6.56 -11.01
C PHE B 158 1.82 -7.43 -9.91
N GLY B 159 1.64 -7.01 -8.66
CA GLY B 159 2.16 -7.76 -7.54
C GLY B 159 3.67 -7.86 -7.48
N MET B 160 4.38 -6.99 -8.19
CA MET B 160 5.84 -7.05 -8.25
C MET B 160 6.51 -5.70 -8.01
N THR B 161 5.78 -4.71 -7.53
CA THR B 161 6.35 -3.40 -7.23
C THR B 161 6.54 -3.24 -5.72
N ARG B 162 7.27 -2.19 -5.36
CA ARG B 162 7.50 -1.86 -3.95
C ARG B 162 7.87 -0.38 -3.87
N TYR B 163 7.14 0.34 -3.02
CA TYR B 163 7.37 1.77 -2.84
C TYR B 163 8.65 1.99 -2.06
N VAL B 164 9.60 2.70 -2.66
CA VAL B 164 10.89 2.99 -2.04
C VAL B 164 11.21 4.46 -2.28
N LEU B 165 11.31 5.23 -1.21
CA LEU B 165 11.74 6.62 -1.34
C LEU B 165 13.18 6.66 -1.84
N ASP B 166 13.47 7.67 -2.66
CA ASP B 166 14.77 7.72 -3.34
C ASP B 166 15.92 7.67 -2.34
N ASP B 167 16.95 6.91 -2.72
CA ASP B 167 18.21 6.81 -1.98
C ASP B 167 18.06 6.16 -0.61
N GLN B 168 16.90 5.58 -0.30
CA GLN B 168 16.68 4.90 0.96
C GLN B 168 16.57 3.39 0.73
N TYR B 169 16.59 2.66 1.84
CA TYR B 169 16.43 1.22 1.82
C TYR B 169 15.12 0.83 2.51
N VAL B 170 14.58 -0.32 2.11
CA VAL B 170 13.43 -0.92 2.79
C VAL B 170 13.68 -2.43 2.87
N SER B 171 12.92 -3.07 3.76
CA SER B 171 13.04 -4.50 3.95
C SER B 171 12.57 -5.25 2.71
N SER B 172 13.21 -6.39 2.45
CA SER B 172 12.83 -7.26 1.35
C SER B 172 11.77 -8.28 1.74
N VAL B 173 11.10 -8.07 2.88
CA VAL B 173 10.05 -8.98 3.31
C VAL B 173 8.96 -9.06 2.26
N GLY B 174 8.48 -10.28 2.02
CA GLY B 174 7.44 -10.55 1.04
C GLY B 174 7.85 -11.71 0.16
N THR B 175 7.10 -11.89 -0.92
CA THR B 175 7.43 -12.92 -1.89
C THR B 175 8.90 -12.84 -2.28
N LYS B 176 9.60 -13.96 -2.17
CA LYS B 176 10.99 -14.04 -2.57
C LYS B 176 11.04 -14.47 -4.04
N PHE B 177 11.52 -13.57 -4.90
CA PHE B 177 11.62 -13.84 -6.32
C PHE B 177 12.98 -14.43 -6.64
N PRO B 178 13.14 -14.99 -7.84
CA PRO B 178 14.40 -15.67 -8.17
C PRO B 178 15.62 -14.81 -7.89
N VAL B 179 16.55 -15.37 -7.12
CA VAL B 179 17.71 -14.62 -6.65
C VAL B 179 18.74 -14.41 -7.76
N LYS B 180 18.67 -15.17 -8.85
CA LYS B 180 19.57 -14.93 -9.97
C LYS B 180 19.33 -13.59 -10.64
N TRP B 181 18.28 -12.88 -10.25
CA TRP B 181 18.01 -11.52 -10.71
C TRP B 181 18.10 -10.50 -9.59
N SER B 182 18.53 -10.92 -8.40
CA SER B 182 18.50 -10.09 -7.21
C SER B 182 19.87 -9.49 -6.92
N ALA B 183 19.85 -8.30 -6.32
CA ALA B 183 21.08 -7.57 -6.03
C ALA B 183 21.64 -8.00 -4.68
N PRO B 184 22.91 -7.66 -4.40
CA PRO B 184 23.51 -8.09 -3.12
C PRO B 184 22.74 -7.65 -1.90
N GLU B 185 22.28 -6.39 -1.85
CA GLU B 185 21.54 -5.95 -0.68
C GLU B 185 20.28 -6.77 -0.45
N VAL B 186 19.77 -7.43 -1.49
CA VAL B 186 18.56 -8.23 -1.35
C VAL B 186 18.87 -9.58 -0.71
N PHE B 187 19.77 -10.36 -1.30
CA PHE B 187 20.01 -11.71 -0.81
C PHE B 187 20.98 -11.76 0.35
N HIS B 188 21.77 -10.70 0.57
CA HIS B 188 22.74 -10.68 1.66
C HIS B 188 22.23 -9.90 2.86
N TYR B 189 21.67 -8.72 2.65
CA TYR B 189 21.21 -7.85 3.73
C TYR B 189 19.69 -7.82 3.87
N PHE B 190 18.95 -8.51 3.00
CA PHE B 190 17.50 -8.56 3.08
C PHE B 190 16.89 -7.16 3.04
N LYS B 191 17.43 -6.32 2.15
CA LYS B 191 16.93 -4.96 1.95
C LYS B 191 16.79 -4.68 0.46
N TYR B 192 15.78 -3.87 0.12
CA TYR B 192 15.73 -3.24 -1.19
C TYR B 192 16.35 -1.86 -1.11
N SER B 193 16.97 -1.44 -2.21
CA SER B 193 17.37 -0.06 -2.40
C SER B 193 16.61 0.52 -3.59
N SER B 194 16.79 1.81 -3.85
CA SER B 194 16.16 2.42 -5.01
C SER B 194 16.78 1.99 -6.33
N LYS B 195 17.81 1.15 -6.30
CA LYS B 195 18.46 0.67 -7.52
C LYS B 195 18.61 -0.86 -7.52
N SER B 196 17.83 -1.56 -6.71
CA SER B 196 17.85 -3.03 -6.76
C SER B 196 17.31 -3.55 -8.08
N ASP B 197 16.31 -2.88 -8.64
CA ASP B 197 15.79 -3.29 -9.94
C ASP B 197 16.72 -2.90 -11.08
N VAL B 198 17.60 -1.92 -10.87
CA VAL B 198 18.63 -1.63 -11.87
C VAL B 198 19.55 -2.83 -12.04
N TRP B 199 19.94 -3.46 -10.94
CA TRP B 199 20.70 -4.70 -11.03
C TRP B 199 19.97 -5.72 -11.87
N ALA B 200 18.68 -5.93 -11.59
CA ALA B 200 17.89 -6.89 -12.35
C ALA B 200 17.78 -6.49 -13.81
N PHE B 201 17.81 -5.18 -14.10
CA PHE B 201 17.76 -4.74 -15.49
C PHE B 201 19.01 -5.14 -16.25
N GLY B 202 20.16 -5.13 -15.57
CA GLY B 202 21.37 -5.65 -16.19
C GLY B 202 21.26 -7.13 -16.50
N ILE B 203 20.67 -7.90 -15.59
CA ILE B 203 20.43 -9.31 -15.85
C ILE B 203 19.44 -9.49 -16.99
N LEU B 204 18.42 -8.64 -17.04
CA LEU B 204 17.46 -8.69 -18.14
C LEU B 204 18.15 -8.39 -19.47
N MET B 205 18.97 -7.35 -19.51
CA MET B 205 19.72 -7.05 -20.74
C MET B 205 20.53 -8.26 -21.19
N TRP B 206 21.11 -8.99 -20.23
CA TRP B 206 21.85 -10.20 -20.57
C TRP B 206 20.93 -11.26 -21.16
N GLU B 207 19.74 -11.44 -20.58
CA GLU B 207 18.76 -12.36 -21.16
C GLU B 207 18.46 -11.98 -22.60
N VAL B 208 18.21 -10.70 -22.86
CA VAL B 208 17.76 -10.28 -24.18
C VAL B 208 18.83 -10.58 -25.22
N PHE B 209 20.07 -10.18 -24.96
CA PHE B 209 21.16 -10.42 -25.90
C PHE B 209 21.64 -11.86 -25.87
N SER B 210 21.28 -12.63 -24.85
CA SER B 210 21.52 -14.06 -24.83
C SER B 210 20.36 -14.85 -25.42
N LEU B 211 19.37 -14.18 -26.00
CA LEU B 211 18.24 -14.83 -26.66
C LEU B 211 17.50 -15.77 -25.70
N GLY B 212 17.34 -15.33 -24.45
CA GLY B 212 16.54 -16.07 -23.49
C GLY B 212 17.27 -17.16 -22.75
N LYS B 213 18.60 -17.18 -22.78
CA LYS B 213 19.34 -18.15 -21.98
C LYS B 213 19.16 -17.85 -20.50
N MET B 214 19.24 -18.91 -19.70
CA MET B 214 19.11 -18.77 -18.26
C MET B 214 20.39 -18.18 -17.69
N PRO B 215 20.32 -17.09 -16.93
CA PRO B 215 21.53 -16.58 -16.28
C PRO B 215 22.10 -17.62 -15.32
N TYR B 216 23.43 -17.70 -15.27
CA TYR B 216 24.12 -18.70 -14.44
C TYR B 216 23.49 -20.07 -14.63
N ASP B 217 23.38 -20.50 -15.88
CA ASP B 217 22.64 -21.72 -16.20
C ASP B 217 23.19 -22.92 -15.44
N LEU B 218 24.51 -22.98 -15.26
CA LEU B 218 25.16 -24.14 -14.69
C LEU B 218 25.30 -24.10 -13.18
N TYR B 219 24.79 -23.06 -12.53
CA TYR B 219 25.02 -22.85 -11.11
C TYR B 219 23.69 -22.70 -10.37
N THR B 220 23.68 -23.17 -9.12
CA THR B 220 22.50 -23.08 -8.27
C THR B 220 22.45 -21.71 -7.58
N ASN B 221 21.30 -21.44 -6.96
CA ASN B 221 21.11 -20.14 -6.30
C ASN B 221 22.17 -19.91 -5.23
N SER B 222 22.47 -20.94 -4.43
CA SER B 222 23.48 -20.78 -3.38
C SER B 222 24.86 -20.50 -3.97
N GLU B 223 25.17 -21.13 -5.11
CA GLU B 223 26.48 -20.90 -5.72
C GLU B 223 26.57 -19.51 -6.34
N VAL B 224 25.47 -19.03 -6.92
CA VAL B 224 25.48 -17.71 -7.55
C VAL B 224 25.68 -16.62 -6.50
N VAL B 225 24.91 -16.68 -5.41
CA VAL B 225 25.08 -15.73 -4.32
C VAL B 225 26.54 -15.68 -3.88
N LEU B 226 27.16 -16.86 -3.73
CA LEU B 226 28.53 -16.92 -3.25
C LEU B 226 29.49 -16.22 -4.21
N LYS B 227 29.33 -16.48 -5.52
CA LYS B 227 30.29 -15.95 -6.48
C LYS B 227 29.99 -14.51 -6.88
N VAL B 228 28.73 -14.08 -6.83
CA VAL B 228 28.43 -12.67 -7.04
C VAL B 228 29.04 -11.83 -5.93
N SER B 229 29.01 -12.35 -4.69
CA SER B 229 29.70 -11.67 -3.60
C SER B 229 31.20 -11.63 -3.82
N GLN B 230 31.75 -12.61 -4.53
CA GLN B 230 33.17 -12.68 -4.81
C GLN B 230 33.58 -11.85 -6.02
N GLY B 231 32.66 -11.10 -6.62
CA GLY B 231 32.98 -10.22 -7.72
C GLY B 231 32.72 -10.79 -9.10
N HIS B 232 32.43 -12.09 -9.20
CA HIS B 232 32.16 -12.68 -10.50
C HIS B 232 30.82 -12.16 -11.05
N ARG B 233 30.74 -12.04 -12.37
CA ARG B 233 29.56 -11.50 -13.03
C ARG B 233 29.30 -12.28 -14.30
N LEU B 234 28.13 -12.05 -14.90
CA LEU B 234 27.78 -12.69 -16.16
C LEU B 234 28.71 -12.23 -17.27
N TYR B 235 28.93 -13.11 -18.24
CA TYR B 235 29.85 -12.82 -19.32
C TYR B 235 29.16 -12.03 -20.44
N ARG B 236 29.97 -11.45 -21.30
CA ARG B 236 29.50 -10.72 -22.47
C ARG B 236 28.75 -11.67 -23.41
N PRO B 237 27.46 -11.43 -23.68
CA PRO B 237 26.75 -12.29 -24.63
C PRO B 237 27.37 -12.21 -26.02
N HIS B 238 27.17 -13.27 -26.80
CA HIS B 238 27.72 -13.34 -28.14
C HIS B 238 27.25 -12.17 -29.01
N LEU B 239 25.99 -11.77 -28.86
CA LEU B 239 25.39 -10.73 -29.69
C LEU B 239 25.56 -9.33 -29.12
N ALA B 240 26.28 -9.19 -28.00
CA ALA B 240 26.43 -7.90 -27.33
C ALA B 240 27.81 -7.33 -27.64
N SER B 241 27.84 -6.07 -28.06
CA SER B 241 29.10 -5.38 -28.28
C SER B 241 29.77 -5.07 -26.95
N ASP B 242 31.03 -4.65 -27.03
CA ASP B 242 31.74 -4.22 -25.82
C ASP B 242 31.00 -3.07 -25.15
N THR B 243 30.48 -2.13 -25.93
CA THR B 243 29.79 -0.99 -25.36
C THR B 243 28.49 -1.40 -24.68
N ILE B 244 27.72 -2.29 -25.31
CA ILE B 244 26.46 -2.72 -24.71
C ILE B 244 26.72 -3.56 -23.47
N TYR B 245 27.77 -4.39 -23.49
CA TYR B 245 28.13 -5.13 -22.29
C TYR B 245 28.53 -4.20 -21.15
N GLN B 246 29.22 -3.10 -21.48
CA GLN B 246 29.59 -2.12 -20.46
C GLN B 246 28.35 -1.54 -19.80
N ILE B 247 27.26 -1.38 -20.55
CA ILE B 247 26.04 -0.83 -19.97
C ILE B 247 25.48 -1.78 -18.91
N MET B 248 25.24 -3.04 -19.29
CA MET B 248 24.68 -3.99 -18.34
C MET B 248 25.64 -4.24 -17.18
N TYR B 249 26.94 -4.23 -17.44
CA TYR B 249 27.91 -4.49 -16.37
C TYR B 249 27.83 -3.41 -15.30
N SER B 250 27.59 -2.16 -15.70
CA SER B 250 27.49 -1.07 -14.74
C SER B 250 26.30 -1.26 -13.80
N CYS B 251 25.28 -2.01 -14.21
CA CYS B 251 24.16 -2.30 -13.34
C CYS B 251 24.54 -3.24 -12.20
N TRP B 252 25.66 -3.95 -12.32
CA TRP B 252 26.00 -5.04 -11.41
C TRP B 252 27.06 -4.65 -10.39
N HIS B 253 27.21 -3.37 -10.09
CA HIS B 253 28.12 -2.99 -9.02
C HIS B 253 27.51 -3.36 -7.67
N GLU B 254 28.37 -3.82 -6.77
CA GLU B 254 27.89 -4.28 -5.46
C GLU B 254 27.15 -3.18 -4.72
N LEU B 255 27.69 -1.96 -4.73
CA LEU B 255 27.08 -0.86 -3.99
C LEU B 255 25.99 -0.21 -4.84
N PRO B 256 24.76 -0.08 -4.32
CA PRO B 256 23.73 0.63 -5.09
C PRO B 256 24.14 2.04 -5.51
N GLU B 257 24.85 2.76 -4.63
CA GLU B 257 25.20 4.14 -4.94
C GLU B 257 26.15 4.24 -6.14
N LYS B 258 26.77 3.13 -6.55
CA LYS B 258 27.67 3.14 -7.70
C LYS B 258 27.00 2.62 -8.96
N ARG B 259 25.67 2.25 -8.89
CA ARG B 259 24.90 1.87 -10.07
C ARG B 259 24.20 3.08 -10.67
N PRO B 260 23.90 3.05 -11.97
CA PRO B 260 23.18 4.16 -12.58
C PRO B 260 21.69 4.10 -12.31
N THR B 261 21.03 5.24 -12.51
CA THR B 261 19.58 5.31 -12.50
C THR B 261 19.04 4.94 -13.88
N PHE B 262 17.78 4.53 -13.91
CA PHE B 262 17.14 4.21 -15.20
C PHE B 262 17.17 5.40 -16.15
N GLN B 263 17.09 6.62 -15.62
CA GLN B 263 17.23 7.79 -16.46
C GLN B 263 18.62 7.86 -17.07
N GLN B 264 19.65 7.59 -16.27
CA GLN B 264 21.02 7.56 -16.78
C GLN B 264 21.20 6.44 -17.81
N LEU B 265 20.64 5.27 -17.53
CA LEU B 265 20.70 4.17 -18.50
C LEU B 265 19.97 4.53 -19.79
N LEU B 266 18.88 5.28 -19.68
CA LEU B 266 18.15 5.73 -20.86
C LEU B 266 19.04 6.55 -21.77
N SER B 267 19.83 7.46 -21.20
CA SER B 267 20.72 8.29 -21.99
C SER B 267 21.90 7.50 -22.56
N SER B 268 22.27 6.38 -21.94
CA SER B 268 23.33 5.55 -22.48
C SER B 268 22.86 4.69 -23.63
N ILE B 269 21.57 4.30 -23.63
CA ILE B 269 21.04 3.44 -24.67
C ILE B 269 20.55 4.22 -25.89
N GLU B 270 20.02 5.43 -25.68
CA GLU B 270 19.50 6.22 -26.79
C GLU B 270 20.49 6.38 -27.93
N PRO B 271 21.75 6.76 -27.70
CA PRO B 271 22.68 6.92 -28.83
C PRO B 271 22.87 5.65 -29.65
N LEU B 272 22.66 4.48 -29.06
CA LEU B 272 22.91 3.21 -29.75
C LEU B 272 21.70 2.70 -30.52
N ARG B 273 20.61 3.45 -30.56
CA ARG B 273 19.39 2.98 -31.19
C ARG B 273 19.51 3.03 -32.72
N GLU B 274 18.65 2.25 -33.37
CA GLU B 274 18.62 2.16 -34.83
C GLU B 274 20.02 1.95 -35.41
C1 H88 C . -10.75 -0.29 23.36
C2 H88 C . -10.14 -0.90 22.12
C4 H88 C . -3.88 -0.01 28.27
C6 H88 C . -6.62 -1.75 21.50
C7 H88 C . -6.24 -3.07 21.75
C9 H88 C . -3.93 -2.41 21.82
C10 H88 C . -3.96 0.86 30.53
C11 H88 C . -5.64 -0.76 21.41
C12 H88 C . -7.29 -4.15 21.83
C13 H88 C . -4.51 -0.33 30.98
C14 H88 C . -4.75 -1.36 30.07
C18 H88 C . -4.30 -1.09 21.58
C20 H88 C . -2.83 0.17 20.20
C21 H88 C . -1.82 1.09 19.97
C22 H88 C . -1.25 1.73 21.05
C23 H88 C . -1.67 1.47 22.34
C24 H88 C . -2.69 0.55 22.64
C25 H88 C . -3.00 0.74 33.69
C15 H88 C . -4.44 -1.20 28.74
C26 H88 C . -3.01 0.38 24.02
C27 H88 C . -2.31 1.13 24.98
C29 H88 C . -1.02 2.18 23.35
C3 H88 C . -8.71 -1.32 22.40
C30 H88 C . -3.99 -0.49 24.53
C31 H88 C . -4.25 -0.60 25.88
C32 H88 C . -3.56 0.15 26.81
C33 H88 C . -2.58 1.01 26.34
C5 H88 C . -3.65 1.02 29.17
C8 H88 C . -4.90 -3.40 21.90
N16 H88 C . -4.85 -0.56 32.27
N19 H88 C . -3.28 -0.11 21.51
N28 H88 C . -1.35 2.00 24.62
N5 H88 C . -7.92 -1.44 21.34
O18 H88 C . -5.23 0.03 34.64
O19 H88 C . -5.25 1.75 33.06
O25 H88 C . -3.36 -0.42 19.23
O4 H88 C . -8.35 -1.53 23.55
S17 H88 C . -4.63 0.51 33.44
H13 H88 C . -11.75 -0.02 23.17
H23 H88 C . -10.73 -1.77 21.81
H2 H88 C . -10.16 -0.17 21.31
H9 H88 C . -2.89 -2.66 21.93
H10 H88 C . -3.77 1.67 31.22
H11 H88 C . -5.93 0.27 21.23
H12 H88 C . -6.81 -5.09 21.96
H121 H88 C . -7.86 -4.17 20.94
H122 H88 C . -7.92 -3.96 22.66
H141 H88 C . -5.18 -2.29 30.42
H21 H88 C . -1.50 1.29 18.97
H22 H88 C . -0.46 2.46 20.87
H252 H88 C . -2.69 0.20 34.53
H25 H88 C . -2.81 1.77 33.84
H251 H88 C . -2.46 0.41 32.83
H15 H88 C . -4.63 -2.00 28.04
H29 H88 C . -0.24 2.88 23.09
H30 H88 C . -4.56 -1.09 23.83
H31 H88 C . -5.02 -1.28 26.21
H33 H88 C . -2.01 1.61 27.05
H5 H88 C . -3.21 1.95 28.83
H8 H88 C . -4.61 -4.42 22.10
HN16 H88 C . -5.24 -1.45 32.52
HN5 H88 C . -8.29 -1.28 20.42
H14 H88 C . -10.72 -1.00 24.15
C1 H88 D . 6.72 -16.07 -20.28
C2 H88 D . 6.03 -15.83 -18.96
C4 H88 D . 0.31 -14.83 -25.41
C6 H88 D . 2.56 -14.76 -18.37
C7 H88 D . 1.69 -15.80 -18.03
C9 H88 D . -0.20 -14.38 -18.50
C10 H88 D . 0.75 -14.98 -27.78
C11 H88 D . 2.04 -13.53 -18.76
C12 H88 D . 2.23 -17.14 -17.60
C13 H88 D . 0.70 -16.38 -27.71
C14 H88 D . 0.46 -16.98 -26.49
C18 H88 D . 0.66 -13.34 -18.83
C20 H88 D . -0.11 -11.20 -18.17
C21 H88 D . -0.67 -9.96 -18.40
C22 H88 D . -1.01 -9.60 -19.69
C23 H88 D . -0.80 -10.47 -20.74
C24 H88 D . -0.25 -11.75 -20.58
C25 H88 D . 0.02 -15.78 -30.88
C15 H88 D . 0.27 -16.22 -25.35
C26 H88 D . -0.10 -12.55 -21.75
C27 H88 D . -0.51 -12.01 -22.98
C29 H88 D . -1.19 -10.02 -22.00
C3 H88 D . 4.53 -15.74 -19.15
C30 H88 D . 0.43 -13.84 -21.79
C31 H88 D . 0.55 -14.55 -22.97
C32 H88 D . 0.13 -14.01 -24.17
C33 H88 D . -0.39 -12.73 -24.17
C5 H88 D . 0.55 -14.21 -26.63
C8 H88 D . 0.31 -15.61 -18.11
N16 H88 D . 0.90 -17.17 -28.78
N19 H88 D . 0.11 -12.11 -19.23
N28 H88 D . -1.03 -10.77 -23.07
N5 H88 D . 3.89 -14.93 -18.30
O18 H88 D . 1.65 -17.71 -31.08
O19 H88 D . 2.45 -15.74 -30.08
O25 H88 D . 0.19 -11.53 -17.00
O4 H88 D . 3.97 -16.38 -20.02
S17 H88 D . 1.31 -16.61 -30.22
H13 H88 D . 7.72 -16.38 -20.10
H1 H88 D . 6.21 -16.82 -20.82
H23 H88 D . 6.26 -16.66 -18.28
H2 H88 D . 6.40 -14.91 -18.51
H9 H88 D . -1.27 -14.23 -18.54
H10 H88 D . 0.94 -14.49 -28.72
H11 H88 D . 2.71 -12.72 -19.01
H12 H88 D . 1.49 -17.64 -17.03
H121 H88 D . 3.10 -17.01 -17.02
H122 H88 D . 2.45 -17.71 -18.46
H141 H88 D . 0.43 -18.06 -26.42
H21 H88 D . -0.83 -9.27 -17.58
H22 H88 D . -1.45 -8.62 -19.87
H252 H88 D . -0.30 -16.27 -31.75
H25 H88 D . 0.34 -14.79 -31.13
H251 H88 D . -0.77 -15.73 -30.18
H15 H88 D . 0.10 -16.72 -24.39
H29 H88 D . -1.62 -9.03 -22.10
H30 H88 D . 0.76 -14.30 -20.87
H31 H88 D . 0.97 -15.54 -22.95
H33 H88 D . -0.71 -12.28 -25.11
H5 H88 D . 0.60 -13.14 -26.69
H8 H88 D . -0.35 -16.42 -17.86
HN16 H88 D . 0.77 -18.17 -28.67
HN5 H88 D . 4.42 -14.44 -17.59
#